data_9HMC
#
_entry.id   9HMC
#
_cell.length_a   56.740
_cell.length_b   75.650
_cell.length_c   82.310
_cell.angle_alpha   90.00
_cell.angle_beta   90.00
_cell.angle_gamma   90.00
#
_symmetry.space_group_name_H-M   'P 21 21 21'
#
loop_
_entity.id
_entity.type
_entity.pdbx_description
1 polymer "Retinal rod rhodopsin-sensitive cGMP 3',5'-cyclic phosphodiesterase subunit delta"
2 non-polymer 4-[3,4-dimethyl-2-(4-methylphenyl)-7-oxidanylidene-pyrazolo[3,4-d]pyridazin-6-yl]-~{N}-heptyl-~{N}-(piperidin-4-ylmethyl)butane-1-sulfonamide
3 non-polymer GLYCEROL
4 non-polymer DI(HYDROXYETHYL)ETHER
5 water water
#
_entity_poly.entity_id   1
_entity_poly.type   'polypeptide(L)'
_entity_poly.pdbx_seq_one_letter_code
;HHHHHHMSAKDERAREILRGFKLNWMNLRDAETGKILWQGTEDLSVPGVEHEARVPKKILKCKAVSRELNFSSTEQMEKF
RLEQKVYFKGQCLEEWFFEFGFVIPNSTNTWQSLIEAAPESQMMPASVLTGNVIIETKFFDDDLLVSTSRVRLFYV
;
_entity_poly.pdbx_strand_id   A,B
#
# COMPACT_ATOMS: atom_id res chain seq x y z
N MET A 7 -16.85 18.99 -11.86
CA MET A 7 -17.55 17.75 -12.33
C MET A 7 -18.90 17.61 -11.63
N SER A 8 -19.57 16.48 -11.84
CA SER A 8 -20.88 16.25 -11.26
C SER A 8 -20.85 16.34 -9.74
N ALA A 9 -19.66 16.33 -9.12
CA ALA A 9 -19.54 16.32 -7.67
C ALA A 9 -19.84 14.93 -7.13
N LYS A 10 -20.64 14.15 -7.85
CA LYS A 10 -20.65 12.72 -7.59
C LYS A 10 -19.34 12.11 -8.10
N ASP A 11 -18.83 12.57 -9.24
CA ASP A 11 -17.48 12.18 -9.63
C ASP A 11 -16.48 12.55 -8.55
N GLU A 12 -16.66 13.70 -7.90
CA GLU A 12 -15.70 14.11 -6.88
C GLU A 12 -15.88 13.29 -5.60
N ARG A 13 -17.12 12.99 -5.22
CA ARG A 13 -17.34 12.10 -4.08
CA ARG A 13 -17.33 12.10 -4.07
C ARG A 13 -16.73 10.72 -4.33
N ALA A 14 -17.01 10.15 -5.51
CA ALA A 14 -16.41 8.86 -5.85
C ALA A 14 -14.90 8.90 -5.76
N ARG A 15 -14.27 9.99 -6.22
CA ARG A 15 -12.82 10.09 -6.14
C ARG A 15 -12.36 10.22 -4.70
N GLU A 16 -13.14 10.93 -3.87
CA GLU A 16 -12.84 11.02 -2.44
C GLU A 16 -12.80 9.64 -1.81
N ILE A 17 -13.85 8.84 -2.03
CA ILE A 17 -13.92 7.51 -1.45
C ILE A 17 -12.75 6.68 -1.91
N LEU A 18 -12.44 6.72 -3.21
CA LEU A 18 -11.36 5.88 -3.71
C LEU A 18 -10.02 6.28 -3.09
N ARG A 19 -9.78 7.58 -2.97
CA ARG A 19 -8.47 8.01 -2.47
C ARG A 19 -8.26 7.56 -1.03
N GLY A 20 -9.33 7.38 -0.26
CA GLY A 20 -9.21 6.94 1.11
C GLY A 20 -9.43 5.45 1.36
N PHE A 21 -9.49 4.64 0.31
CA PHE A 21 -9.77 3.22 0.42
C PHE A 21 -8.52 2.39 0.20
N LYS A 22 -8.37 1.32 0.98
CA LYS A 22 -7.33 0.34 0.76
C LYS A 22 -7.90 -1.05 0.97
N LEU A 23 -7.51 -1.99 0.11
CA LEU A 23 -7.71 -3.41 0.35
C LEU A 23 -6.41 -3.91 0.97
N ASN A 24 -6.46 -4.29 2.25
CA ASN A 24 -5.28 -4.58 3.04
C ASN A 24 -4.82 -6.04 2.93
N TRP A 25 -5.75 -6.99 2.93
CA TRP A 25 -5.37 -8.38 2.73
C TRP A 25 -6.58 -9.19 2.30
N MET A 26 -6.30 -10.35 1.72
CA MET A 26 -7.36 -11.25 1.29
C MET A 26 -6.90 -12.69 1.41
N ASN A 27 -7.76 -13.51 2.01
CA ASN A 27 -7.53 -14.95 2.08
C ASN A 27 -8.60 -15.67 1.27
N LEU A 28 -8.18 -16.72 0.55
CA LEU A 28 -9.11 -17.64 -0.09
C LEU A 28 -9.01 -18.99 0.61
N ARG A 29 -10.13 -19.44 1.16
CA ARG A 29 -10.14 -20.66 1.96
C ARG A 29 -11.02 -21.73 1.33
N ASP A 30 -10.56 -22.96 1.46
CA ASP A 30 -11.41 -24.12 1.22
C ASP A 30 -12.52 -24.13 2.25
N ALA A 31 -13.76 -23.98 1.79
CA ALA A 31 -14.86 -23.81 2.74
C ALA A 31 -15.13 -25.08 3.53
N GLU A 32 -14.60 -26.23 3.10
CA GLU A 32 -14.81 -27.44 3.87
C GLU A 32 -13.87 -27.51 5.07
N THR A 33 -12.61 -27.13 4.90
CA THR A 33 -11.61 -27.28 5.95
C THR A 33 -11.17 -25.97 6.58
N GLY A 34 -11.41 -24.84 5.92
CA GLY A 34 -10.84 -23.58 6.33
C GLY A 34 -9.40 -23.38 5.92
N LYS A 35 -8.78 -24.36 5.26
CA LYS A 35 -7.38 -24.24 4.87
C LYS A 35 -7.19 -23.12 3.85
N ILE A 36 -6.11 -22.37 4.02
CA ILE A 36 -5.81 -21.26 3.12
C ILE A 36 -5.21 -21.84 1.85
N LEU A 37 -5.85 -21.55 0.72
CA LEU A 37 -5.36 -21.91 -0.61
C LEU A 37 -4.55 -20.79 -1.23
N TRP A 38 -4.85 -19.54 -0.88
CA TRP A 38 -4.19 -18.39 -1.46
C TRP A 38 -4.30 -17.23 -0.48
N GLN A 39 -3.19 -16.53 -0.31
CA GLN A 39 -3.10 -15.38 0.59
C GLN A 39 -2.47 -14.22 -0.16
N GLY A 40 -3.14 -13.08 -0.16
CA GLY A 40 -2.61 -11.90 -0.81
C GLY A 40 -2.55 -10.73 0.14
N THR A 41 -1.42 -10.03 0.18
CA THR A 41 -1.30 -8.82 0.98
C THR A 41 -1.12 -7.58 0.12
N GLU A 42 -1.04 -7.72 -1.20
CA GLU A 42 -0.96 -6.56 -2.08
C GLU A 42 -2.36 -6.06 -2.37
N ASP A 43 -2.47 -4.76 -2.63
CA ASP A 43 -3.78 -4.17 -2.90
C ASP A 43 -4.15 -4.41 -4.36
N LEU A 44 -4.90 -5.48 -4.60
CA LEU A 44 -5.35 -5.80 -5.94
C LEU A 44 -6.68 -5.15 -6.29
N SER A 45 -7.12 -4.16 -5.51
CA SER A 45 -8.26 -3.34 -5.89
C SER A 45 -7.86 -2.08 -6.64
N VAL A 46 -6.57 -1.81 -6.78
CA VAL A 46 -6.13 -0.56 -7.43
C VAL A 46 -6.56 -0.59 -8.89
N PRO A 47 -7.26 0.43 -9.38
CA PRO A 47 -7.66 0.45 -10.79
C PRO A 47 -6.49 0.81 -11.68
N GLY A 48 -6.71 0.68 -12.99
CA GLY A 48 -5.76 1.11 -13.99
C GLY A 48 -4.60 0.18 -14.22
N VAL A 49 -4.66 -1.02 -13.66
CA VAL A 49 -3.67 -2.07 -13.78
C VAL A 49 -4.46 -3.34 -14.08
N GLU A 50 -3.77 -4.33 -14.62
CA GLU A 50 -4.31 -5.68 -14.68
C GLU A 50 -3.55 -6.55 -13.68
N HIS A 51 -4.14 -6.77 -12.51
CA HIS A 51 -3.51 -7.60 -11.50
C HIS A 51 -3.52 -9.06 -11.95
N GLU A 52 -2.65 -9.85 -11.33
CA GLU A 52 -2.55 -11.28 -11.60
C GLU A 52 -2.61 -12.00 -10.27
N ALA A 53 -3.27 -13.15 -10.24
CA ALA A 53 -3.28 -13.99 -9.05
C ALA A 53 -3.07 -15.42 -9.48
N ARG A 54 -2.06 -16.07 -8.93
CA ARG A 54 -1.76 -17.46 -9.20
C ARG A 54 -2.30 -18.30 -8.03
N VAL A 55 -3.36 -19.06 -8.29
CA VAL A 55 -4.02 -19.82 -7.23
C VAL A 55 -3.88 -21.31 -7.50
N PRO A 56 -3.83 -22.15 -6.47
CA PRO A 56 -3.67 -23.59 -6.70
C PRO A 56 -4.85 -24.16 -7.47
N LYS A 57 -4.55 -24.97 -8.49
CA LYS A 57 -5.61 -25.46 -9.34
C LYS A 57 -6.65 -26.28 -8.58
N LYS A 58 -6.30 -26.84 -7.42
CA LYS A 58 -7.28 -27.60 -6.68
C LYS A 58 -8.44 -26.73 -6.22
N ILE A 59 -8.28 -25.41 -6.23
CA ILE A 59 -9.41 -24.57 -5.84
C ILE A 59 -10.62 -24.85 -6.72
N LEU A 60 -10.38 -25.31 -7.95
CA LEU A 60 -11.49 -25.52 -8.86
C LEU A 60 -12.36 -26.69 -8.45
N LYS A 61 -11.86 -27.57 -7.58
CA LYS A 61 -12.61 -28.71 -7.08
C LYS A 61 -13.32 -28.44 -5.76
N CYS A 62 -13.10 -27.27 -5.16
CA CYS A 62 -13.86 -26.91 -3.97
C CYS A 62 -15.29 -26.59 -4.37
N LYS A 63 -16.26 -27.20 -3.69
CA LYS A 63 -17.65 -26.81 -3.91
C LYS A 63 -17.85 -25.35 -3.59
N ALA A 64 -17.13 -24.83 -2.58
CA ALA A 64 -17.28 -23.42 -2.22
C ALA A 64 -15.95 -22.93 -1.68
N VAL A 65 -15.70 -21.64 -1.89
CA VAL A 65 -14.51 -20.95 -1.42
C VAL A 65 -14.96 -19.82 -0.52
N SER A 66 -14.35 -19.73 0.66
CA SER A 66 -14.62 -18.60 1.55
C SER A 66 -13.59 -17.51 1.27
N ARG A 67 -14.05 -16.36 0.81
CA ARG A 67 -13.19 -15.21 0.53
C ARG A 67 -13.30 -14.25 1.71
N GLU A 68 -12.18 -14.00 2.38
CA GLU A 68 -12.15 -13.18 3.57
C GLU A 68 -11.16 -12.06 3.31
N LEU A 69 -11.65 -10.82 3.30
CA LEU A 69 -10.80 -9.68 3.00
C LEU A 69 -10.91 -8.64 4.11
N ASN A 70 -9.96 -7.72 4.11
CA ASN A 70 -9.89 -6.67 5.12
C ASN A 70 -9.62 -5.38 4.39
N PHE A 71 -10.42 -4.34 4.67
CA PHE A 71 -10.27 -3.09 3.94
C PHE A 71 -10.36 -1.93 4.92
N SER A 72 -9.82 -0.80 4.51
CA SER A 72 -9.95 0.43 5.28
C SER A 72 -10.58 1.50 4.39
N SER A 73 -11.32 2.42 5.01
CA SER A 73 -11.96 3.49 4.27
C SER A 73 -11.96 4.77 5.09
N THR A 74 -11.35 5.83 4.58
CA THR A 74 -11.45 7.11 5.28
CA THR A 74 -11.45 7.11 5.28
C THR A 74 -12.87 7.65 5.21
N GLU A 75 -13.53 7.47 4.08
CA GLU A 75 -14.86 8.02 3.91
C GLU A 75 -15.92 7.05 4.42
N GLN A 76 -17.00 7.63 4.94
CA GLN A 76 -18.21 6.86 5.20
C GLN A 76 -18.82 6.37 3.90
N MET A 77 -19.37 5.16 3.94
CA MET A 77 -20.21 4.67 2.86
C MET A 77 -21.54 4.20 3.43
N GLU A 78 -22.62 4.51 2.70
CA GLU A 78 -23.96 4.12 3.11
C GLU A 78 -24.24 2.67 2.80
N LYS A 79 -23.79 2.20 1.63
CA LYS A 79 -24.05 0.82 1.21
C LYS A 79 -22.90 0.37 0.30
N PHE A 80 -21.77 0.03 0.92
CA PHE A 80 -20.65 -0.53 0.19
C PHE A 80 -21.05 -1.89 -0.37
N ARG A 81 -20.80 -2.10 -1.66
CA ARG A 81 -21.16 -3.35 -2.30
C ARG A 81 -20.29 -3.55 -3.54
N LEU A 82 -20.25 -4.79 -4.00
CA LEU A 82 -19.49 -5.19 -5.17
C LEU A 82 -20.38 -5.82 -6.22
N GLU A 83 -20.12 -5.51 -7.48
CA GLU A 83 -20.62 -6.26 -8.63
C GLU A 83 -19.42 -6.86 -9.33
N GLN A 84 -19.37 -8.18 -9.44
CA GLN A 84 -18.21 -8.85 -9.99
C GLN A 84 -18.61 -9.70 -11.19
N LYS A 85 -17.90 -9.50 -12.29
CA LYS A 85 -18.16 -10.24 -13.53
C LYS A 85 -16.98 -11.12 -13.81
N VAL A 86 -17.24 -12.38 -14.11
CA VAL A 86 -16.23 -13.36 -14.44
C VAL A 86 -16.23 -13.45 -15.96
N TYR A 87 -15.19 -12.89 -16.58
CA TYR A 87 -15.03 -12.95 -18.03
C TYR A 87 -14.19 -14.17 -18.36
N PHE A 88 -14.71 -15.01 -19.25
CA PHE A 88 -13.99 -16.14 -19.83
C PHE A 88 -13.81 -15.86 -21.32
N LYS A 89 -12.56 -15.72 -21.75
CA LYS A 89 -12.23 -15.41 -23.15
C LYS A 89 -12.95 -14.13 -23.62
N GLY A 90 -13.02 -13.17 -22.72
CA GLY A 90 -13.55 -11.85 -23.03
C GLY A 90 -15.06 -11.73 -23.02
N GLN A 91 -15.80 -12.77 -22.63
CA GLN A 91 -17.26 -12.69 -22.57
C GLN A 91 -17.71 -13.10 -21.18
N CYS A 92 -18.72 -12.39 -20.68
CA CYS A 92 -19.17 -12.59 -19.31
C CYS A 92 -19.79 -13.97 -19.15
N LEU A 93 -19.27 -14.73 -18.18
CA LEU A 93 -19.71 -16.09 -17.88
C LEU A 93 -20.59 -16.18 -16.66
N GLU A 94 -20.25 -15.41 -15.63
CA GLU A 94 -20.94 -15.44 -14.34
C GLU A 94 -20.92 -14.03 -13.78
N GLU A 95 -21.93 -13.69 -12.98
CA GLU A 95 -21.97 -12.41 -12.29
C GLU A 95 -22.24 -12.67 -10.81
N TRP A 96 -21.44 -12.03 -9.95
CA TRP A 96 -21.57 -12.16 -8.50
C TRP A 96 -21.95 -10.82 -7.89
N PHE A 97 -22.75 -10.85 -6.82
CA PHE A 97 -23.14 -9.64 -6.11
C PHE A 97 -22.91 -9.84 -4.63
N PHE A 98 -22.19 -8.91 -4.01
CA PHE A 98 -21.93 -8.97 -2.57
C PHE A 98 -22.14 -7.59 -1.96
N GLU A 99 -22.84 -7.57 -0.82
CA GLU A 99 -23.12 -6.32 -0.12
C GLU A 99 -22.50 -6.36 1.27
N PHE A 100 -21.74 -5.31 1.59
CA PHE A 100 -21.19 -5.12 2.93
C PHE A 100 -22.10 -4.26 3.80
N GLY A 101 -22.59 -3.15 3.25
CA GLY A 101 -23.49 -2.27 3.95
C GLY A 101 -22.80 -1.02 4.44
N PHE A 102 -23.23 -0.52 5.59
CA PHE A 102 -22.71 0.73 6.12
C PHE A 102 -21.25 0.60 6.52
N VAL A 103 -20.45 1.58 6.15
CA VAL A 103 -19.04 1.66 6.51
C VAL A 103 -18.83 2.92 7.34
N ILE A 104 -18.39 2.75 8.58
CA ILE A 104 -18.04 3.86 9.48
C ILE A 104 -16.86 4.64 8.90
N PRO A 105 -16.85 5.96 8.95
CA PRO A 105 -15.68 6.69 8.45
C PRO A 105 -14.43 6.34 9.24
N ASN A 106 -13.30 6.35 8.54
CA ASN A 106 -12.01 5.99 9.13
C ASN A 106 -12.11 4.67 9.90
N SER A 107 -12.64 3.66 9.22
CA SER A 107 -12.76 2.34 9.80
C SER A 107 -11.98 1.30 9.00
N THR A 108 -11.66 0.20 9.68
CA THR A 108 -10.97 -0.95 9.10
C THR A 108 -11.83 -2.17 9.40
N ASN A 109 -12.15 -2.94 8.35
CA ASN A 109 -13.23 -3.91 8.42
C ASN A 109 -12.84 -5.19 7.71
N THR A 110 -13.15 -6.32 8.33
CA THR A 110 -13.00 -7.64 7.73
C THR A 110 -14.36 -8.09 7.20
N TRP A 111 -14.34 -8.67 6.00
CA TRP A 111 -15.56 -9.03 5.29
C TRP A 111 -15.40 -10.43 4.70
N GLN A 112 -16.27 -11.35 5.11
CA GLN A 112 -16.29 -12.71 4.58
C GLN A 112 -17.43 -12.89 3.60
N SER A 113 -17.15 -13.50 2.46
CA SER A 113 -18.17 -13.88 1.48
C SER A 113 -17.90 -15.30 1.01
N LEU A 114 -18.97 -16.04 0.75
CA LEU A 114 -18.89 -17.39 0.22
C LEU A 114 -19.09 -17.34 -1.29
N ILE A 115 -18.17 -17.95 -2.03
CA ILE A 115 -18.28 -18.09 -3.48
C ILE A 115 -18.64 -19.54 -3.75
N GLU A 116 -19.83 -19.77 -4.28
CA GLU A 116 -20.33 -21.11 -4.48
C GLU A 116 -20.35 -21.45 -5.96
N ALA A 117 -20.28 -22.75 -6.24
CA ALA A 117 -20.35 -23.26 -7.60
C ALA A 117 -21.54 -22.65 -8.35
N SER A 121 -20.94 -29.09 -12.91
CA SER A 121 -21.70 -28.06 -13.63
C SER A 121 -20.94 -27.66 -14.89
N GLN A 122 -20.96 -26.35 -15.20
CA GLN A 122 -20.22 -25.85 -16.35
C GLN A 122 -18.73 -25.72 -16.04
N MET A 123 -18.22 -26.52 -15.10
CA MET A 123 -16.84 -26.38 -14.69
C MET A 123 -15.91 -26.90 -15.77
N MET A 124 -14.92 -26.09 -16.13
CA MET A 124 -13.94 -26.42 -17.16
C MET A 124 -12.61 -26.76 -16.52
N PRO A 125 -11.75 -27.50 -17.21
CA PRO A 125 -10.45 -27.86 -16.63
C PRO A 125 -9.54 -26.66 -16.43
N ALA A 126 -8.61 -26.82 -15.49
CA ALA A 126 -7.65 -25.78 -15.21
C ALA A 126 -6.89 -25.35 -16.46
N SER A 127 -6.52 -26.31 -17.31
CA SER A 127 -5.79 -25.97 -18.51
C SER A 127 -6.59 -25.05 -19.44
N VAL A 128 -7.92 -25.14 -19.40
CA VAL A 128 -8.75 -24.28 -20.23
C VAL A 128 -8.94 -22.92 -19.56
N LEU A 129 -9.08 -22.91 -18.23
CA LEU A 129 -9.41 -21.66 -17.56
C LEU A 129 -8.19 -20.79 -17.33
N THR A 130 -7.02 -21.40 -17.14
CA THR A 130 -5.89 -20.65 -16.62
C THR A 130 -5.49 -19.55 -17.62
N GLY A 131 -5.40 -18.34 -17.10
CA GLY A 131 -5.03 -17.18 -17.91
C GLY A 131 -6.14 -16.66 -18.79
N ASN A 132 -7.31 -17.30 -18.79
CA ASN A 132 -8.44 -16.94 -19.61
C ASN A 132 -9.62 -16.42 -18.80
N VAL A 133 -9.43 -16.24 -17.49
CA VAL A 133 -10.46 -15.78 -16.57
C VAL A 133 -10.01 -14.44 -16.00
N ILE A 134 -10.85 -13.42 -16.14
CA ILE A 134 -10.58 -12.13 -15.55
C ILE A 134 -11.79 -11.77 -14.71
N ILE A 135 -11.57 -11.36 -13.47
CA ILE A 135 -12.62 -10.88 -12.59
C ILE A 135 -12.60 -9.36 -12.63
N GLU A 136 -13.68 -8.77 -13.11
CA GLU A 136 -13.89 -7.33 -13.07
C GLU A 136 -14.74 -7.03 -11.85
N THR A 137 -14.22 -6.21 -10.94
CA THR A 137 -14.94 -5.84 -9.73
C THR A 137 -15.33 -4.38 -9.80
N LYS A 138 -16.62 -4.11 -9.77
CA LYS A 138 -17.16 -2.76 -9.66
C LYS A 138 -17.46 -2.49 -8.19
N PHE A 139 -16.87 -1.43 -7.66
CA PHE A 139 -16.98 -0.96 -6.28
C PHE A 139 -18.02 0.13 -6.27
N PHE A 140 -19.13 -0.11 -5.55
CA PHE A 140 -20.20 0.86 -5.42
C PHE A 140 -20.38 1.30 -3.98
N ASP A 141 -20.80 2.56 -3.80
CA ASP A 141 -21.49 2.97 -2.59
C ASP A 141 -22.94 3.22 -3.01
N ASP A 142 -23.82 2.27 -2.69
CA ASP A 142 -25.21 2.28 -3.12
C ASP A 142 -25.24 2.33 -4.66
N ASP A 143 -25.70 3.43 -5.24
CA ASP A 143 -25.78 3.55 -6.69
CA ASP A 143 -25.77 3.54 -6.69
C ASP A 143 -24.61 4.30 -7.29
N LEU A 144 -23.65 4.72 -6.47
CA LEU A 144 -22.48 5.47 -6.92
C LEU A 144 -21.37 4.48 -7.28
N LEU A 145 -21.01 4.44 -8.57
CA LEU A 145 -19.84 3.67 -8.97
C LEU A 145 -18.57 4.41 -8.53
N VAL A 146 -17.77 3.76 -7.69
CA VAL A 146 -16.54 4.36 -7.18
C VAL A 146 -15.35 3.99 -8.04
N SER A 147 -15.17 2.71 -8.33
CA SER A 147 -14.01 2.30 -9.12
C SER A 147 -14.28 0.95 -9.77
N THR A 148 -13.44 0.64 -10.74
CA THR A 148 -13.45 -0.67 -11.39
C THR A 148 -12.03 -1.20 -11.44
N SER A 149 -11.84 -2.43 -10.97
CA SER A 149 -10.52 -3.07 -10.97
C SER A 149 -10.65 -4.47 -11.57
N ARG A 150 -9.51 -5.03 -11.98
CA ARG A 150 -9.51 -6.28 -12.73
C ARG A 150 -8.35 -7.16 -12.30
N VAL A 151 -8.60 -8.47 -12.18
CA VAL A 151 -7.57 -9.43 -11.82
C VAL A 151 -7.67 -10.64 -12.75
N ARG A 152 -6.54 -11.03 -13.32
CA ARG A 152 -6.46 -12.21 -14.18
C ARG A 152 -6.04 -13.38 -13.32
N LEU A 153 -6.72 -14.51 -13.46
CA LEU A 153 -6.48 -15.69 -12.64
C LEU A 153 -5.70 -16.73 -13.42
N PHE A 154 -4.68 -17.30 -12.77
CA PHE A 154 -3.94 -18.46 -13.27
C PHE A 154 -4.16 -19.59 -12.28
N TYR A 155 -4.27 -20.82 -12.78
CA TYR A 155 -4.50 -21.99 -11.94
C TYR A 155 -3.26 -22.85 -12.07
N VAL A 156 -2.49 -22.95 -10.98
CA VAL A 156 -1.16 -23.51 -11.04
C VAL A 156 -1.10 -24.86 -10.33
N MET B 7 -2.42 26.82 16.66
CA MET B 7 -3.43 26.19 17.55
C MET B 7 -2.81 25.05 18.35
N SER B 8 -3.14 24.97 19.64
CA SER B 8 -2.64 23.89 20.48
C SER B 8 -3.34 22.57 20.19
N ALA B 9 -4.58 22.63 19.68
CA ALA B 9 -5.28 21.40 19.32
C ALA B 9 -4.54 20.62 18.23
N LYS B 10 -3.92 21.35 17.28
CA LYS B 10 -3.07 20.69 16.30
C LYS B 10 -1.86 20.08 16.98
N ASP B 11 -1.20 20.85 17.85
CA ASP B 11 -0.02 20.33 18.55
C ASP B 11 -0.36 19.04 19.29
N GLU B 12 -1.50 19.02 19.99
CA GLU B 12 -1.84 17.85 20.77
C GLU B 12 -2.00 16.60 19.90
N ARG B 13 -2.73 16.72 18.79
CA ARG B 13 -2.86 15.58 17.89
CA ARG B 13 -2.86 15.58 17.89
C ARG B 13 -1.51 15.14 17.37
N ALA B 14 -0.65 16.09 16.97
CA ALA B 14 0.67 15.72 16.49
C ALA B 14 1.45 14.97 17.55
N ARG B 15 1.35 15.42 18.82
CA ARG B 15 2.09 14.79 19.90
C ARG B 15 1.55 13.39 20.19
N GLU B 16 0.25 13.17 20.04
CA GLU B 16 -0.30 11.83 20.21
C GLU B 16 0.23 10.88 19.15
N ILE B 17 0.20 11.29 17.89
CA ILE B 17 0.71 10.42 16.83
C ILE B 17 2.17 10.06 17.08
N LEU B 18 2.97 11.08 17.41
CA LEU B 18 4.41 10.85 17.61
C LEU B 18 4.65 9.93 18.78
N ARG B 19 3.99 10.18 19.91
CA ARG B 19 4.13 9.29 21.06
C ARG B 19 3.88 7.83 20.65
N GLY B 20 2.94 7.61 19.75
CA GLY B 20 2.60 6.25 19.40
C GLY B 20 3.32 5.66 18.21
N PHE B 21 4.30 6.37 17.67
CA PHE B 21 4.96 5.95 16.44
C PHE B 21 6.35 5.39 16.71
N LYS B 22 6.70 4.35 15.96
CA LYS B 22 8.05 3.81 15.98
C LYS B 22 8.44 3.30 14.60
N LEU B 23 9.64 3.65 14.16
CA LEU B 23 10.26 3.02 13.00
C LEU B 23 11.01 1.80 13.53
N ASN B 24 10.54 0.62 13.18
CA ASN B 24 11.15 -0.61 13.68
C ASN B 24 12.42 -1.01 12.92
N TRP B 25 12.41 -0.92 11.59
CA TRP B 25 13.59 -1.29 10.82
C TRP B 25 13.41 -0.72 9.42
N MET B 26 14.52 -0.66 8.68
CA MET B 26 14.52 -0.15 7.31
C MET B 26 15.55 -0.92 6.50
N ASN B 27 15.22 -1.19 5.23
CA ASN B 27 16.15 -1.78 4.27
C ASN B 27 16.33 -0.82 3.09
N LEU B 28 17.50 -0.90 2.45
CA LEU B 28 17.73 -0.34 1.14
C LEU B 28 18.22 -1.44 0.21
N ARG B 29 17.62 -1.53 -0.98
CA ARG B 29 17.97 -2.55 -1.96
C ARG B 29 18.25 -1.93 -3.33
N ASP B 30 19.13 -2.59 -4.09
CA ASP B 30 19.24 -2.30 -5.53
C ASP B 30 17.92 -2.71 -6.19
N ALA B 31 17.22 -1.74 -6.79
CA ALA B 31 15.90 -2.06 -7.32
C ALA B 31 15.99 -3.00 -8.52
N GLU B 32 17.09 -2.95 -9.25
CA GLU B 32 17.26 -3.80 -10.44
C GLU B 32 17.54 -5.23 -10.04
N THR B 33 18.49 -5.44 -9.12
CA THR B 33 18.89 -6.79 -8.74
C THR B 33 18.09 -7.34 -7.58
N GLY B 34 17.43 -6.48 -6.80
CA GLY B 34 16.76 -6.91 -5.59
C GLY B 34 17.66 -7.07 -4.38
N LYS B 35 18.97 -6.94 -4.53
CA LYS B 35 19.90 -7.20 -3.44
C LYS B 35 19.82 -6.12 -2.36
N ILE B 36 19.61 -6.54 -1.11
CA ILE B 36 19.68 -5.62 0.02
C ILE B 36 21.12 -5.17 0.22
N LEU B 37 21.32 -3.86 0.27
CA LEU B 37 22.64 -3.30 0.47
C LEU B 37 22.83 -2.75 1.88
N TRP B 38 21.76 -2.47 2.59
CA TRP B 38 21.83 -1.85 3.90
C TRP B 38 20.56 -2.15 4.68
N GLN B 39 20.74 -2.46 5.95
CA GLN B 39 19.64 -2.70 6.88
C GLN B 39 19.94 -1.98 8.17
N GLY B 40 18.92 -1.36 8.76
CA GLY B 40 19.05 -0.75 10.07
C GLY B 40 17.87 -1.13 10.93
N THR B 41 18.15 -1.29 12.23
CA THR B 41 17.10 -1.60 13.20
C THR B 41 16.94 -0.53 14.26
N GLU B 42 17.65 0.59 14.13
CA GLU B 42 17.49 1.73 15.01
C GLU B 42 16.46 2.72 14.44
N ASP B 43 15.76 3.40 15.32
CA ASP B 43 14.74 4.34 14.89
C ASP B 43 15.39 5.68 14.55
N LEU B 44 15.77 5.84 13.27
CA LEU B 44 16.37 7.08 12.81
C LEU B 44 15.35 8.17 12.49
N SER B 45 14.08 7.97 12.86
CA SER B 45 13.07 8.99 12.69
C SER B 45 12.90 9.89 13.90
N VAL B 46 13.47 9.53 15.04
CA VAL B 46 13.23 10.28 16.29
C VAL B 46 13.69 11.72 16.09
N PRO B 47 12.83 12.71 16.31
CA PRO B 47 13.24 14.10 16.05
C PRO B 47 14.17 14.63 17.14
N GLY B 48 14.87 15.71 16.79
CA GLY B 48 15.66 16.45 17.75
C GLY B 48 17.06 15.93 17.93
N VAL B 49 17.48 15.00 17.10
CA VAL B 49 18.77 14.32 17.17
C VAL B 49 19.30 14.24 15.75
N GLU B 50 20.57 14.63 15.54
CA GLU B 50 21.18 14.38 14.24
C GLU B 50 21.59 12.91 14.25
N HIS B 51 20.82 12.08 13.56
CA HIS B 51 21.18 10.70 13.35
C HIS B 51 22.28 10.59 12.29
N GLU B 52 22.97 9.46 12.31
CA GLU B 52 23.97 9.11 11.32
C GLU B 52 23.69 7.72 10.80
N ALA B 53 23.94 7.52 9.51
CA ALA B 53 23.85 6.20 8.91
C ALA B 53 25.05 6.00 8.00
N ARG B 54 25.66 4.83 8.11
CA ARG B 54 26.79 4.47 7.27
C ARG B 54 26.32 3.42 6.28
N VAL B 55 26.35 3.77 5.00
CA VAL B 55 25.80 2.92 3.96
C VAL B 55 26.93 2.59 2.99
N PRO B 56 26.89 1.45 2.30
CA PRO B 56 28.00 1.08 1.42
C PRO B 56 28.07 2.01 0.21
N LYS B 57 29.30 2.35 -0.17
CA LYS B 57 29.52 3.30 -1.25
C LYS B 57 28.85 2.85 -2.53
N LYS B 58 28.75 1.52 -2.76
CA LYS B 58 28.26 1.08 -4.06
C LYS B 58 26.78 1.37 -4.26
N ILE B 59 26.05 1.77 -3.20
CA ILE B 59 24.65 2.15 -3.39
C ILE B 59 24.53 3.31 -4.38
N LEU B 60 25.53 4.19 -4.42
CA LEU B 60 25.54 5.34 -5.32
C LEU B 60 25.61 4.95 -6.78
N LYS B 61 26.02 3.71 -7.08
CA LYS B 61 26.07 3.19 -8.44
C LYS B 61 24.78 2.51 -8.85
N CYS B 62 23.77 2.45 -7.98
CA CYS B 62 22.48 1.88 -8.34
C CYS B 62 21.61 2.95 -8.99
N LYS B 63 21.02 2.62 -10.13
CA LYS B 63 20.13 3.58 -10.80
C LYS B 63 18.95 3.92 -9.92
N ALA B 64 18.24 2.92 -9.41
CA ALA B 64 17.13 3.11 -8.49
C ALA B 64 17.37 2.26 -7.26
N VAL B 65 16.91 2.79 -6.13
CA VAL B 65 16.99 2.12 -4.83
C VAL B 65 15.58 1.94 -4.31
N SER B 66 15.26 0.72 -3.91
CA SER B 66 14.01 0.42 -3.22
C SER B 66 14.23 0.50 -1.72
N ARG B 67 13.34 1.21 -1.04
CA ARG B 67 13.41 1.41 0.40
C ARG B 67 12.23 0.72 1.04
N GLU B 68 12.49 -0.06 2.09
CA GLU B 68 11.45 -0.71 2.87
C GLU B 68 11.50 -0.12 4.27
N LEU B 69 10.38 0.43 4.72
CA LEU B 69 10.21 0.95 6.07
C LEU B 69 9.23 0.04 6.80
N ASN B 70 9.56 -0.36 8.01
CA ASN B 70 8.62 -1.09 8.86
C ASN B 70 8.37 -0.23 10.10
N PHE B 71 7.11 0.10 10.35
CA PHE B 71 6.77 1.05 11.39
C PHE B 71 5.48 0.64 12.09
N SER B 72 5.31 1.13 13.31
CA SER B 72 4.15 0.85 14.16
C SER B 72 3.54 2.19 14.55
N SER B 73 2.21 2.19 14.71
CA SER B 73 1.49 3.40 15.07
C SER B 73 0.32 3.04 15.97
N THR B 74 0.28 3.57 17.18
CA THR B 74 -0.92 3.39 17.99
C THR B 74 -2.09 4.19 17.43
N GLU B 75 -1.83 5.40 16.92
CA GLU B 75 -2.89 6.27 16.42
C GLU B 75 -3.23 5.96 14.96
N GLN B 76 -4.52 6.09 14.63
CA GLN B 76 -4.97 6.04 13.24
C GLN B 76 -4.56 7.31 12.50
N MET B 77 -4.26 7.19 11.21
CA MET B 77 -4.01 8.36 10.39
C MET B 77 -4.74 8.21 9.08
N GLU B 78 -5.20 9.34 8.52
CA GLU B 78 -5.85 9.30 7.22
C GLU B 78 -4.84 9.27 6.07
N LYS B 79 -3.77 10.06 6.19
CA LYS B 79 -2.87 10.24 5.06
C LYS B 79 -1.45 10.43 5.59
N PHE B 80 -0.90 9.37 6.15
CA PHE B 80 0.52 9.35 6.50
C PHE B 80 1.33 9.56 5.24
N ARG B 81 2.21 10.56 5.27
CA ARG B 81 3.06 10.84 4.11
C ARG B 81 4.35 11.51 4.58
N LEU B 82 5.33 11.50 3.68
CA LEU B 82 6.64 12.09 3.93
C LEU B 82 6.99 13.11 2.86
N GLU B 83 7.63 14.19 3.28
CA GLU B 83 8.32 15.13 2.39
C GLU B 83 9.78 15.04 2.78
N GLN B 84 10.65 14.72 1.84
CA GLN B 84 12.05 14.50 2.18
C GLN B 84 12.93 15.38 1.31
N LYS B 85 13.87 16.08 1.94
CA LYS B 85 14.82 16.95 1.25
C LYS B 85 16.23 16.39 1.42
N VAL B 86 16.96 16.32 0.32
CA VAL B 86 18.34 15.85 0.33
C VAL B 86 19.24 17.08 0.19
N TYR B 87 20.02 17.34 1.22
CA TYR B 87 20.94 18.46 1.25
C TYR B 87 22.36 17.99 1.01
N PHE B 88 23.09 18.72 0.19
CA PHE B 88 24.53 18.54 0.03
C PHE B 88 25.20 19.83 0.51
N LYS B 89 26.02 19.72 1.55
CA LYS B 89 26.65 20.89 2.16
C LYS B 89 25.63 21.97 2.48
N GLY B 90 24.44 21.54 2.87
CA GLY B 90 23.41 22.48 3.25
C GLY B 90 22.59 23.05 2.12
N GLN B 91 22.77 22.59 0.89
CA GLN B 91 22.00 23.03 -0.26
C GLN B 91 21.05 21.93 -0.67
N CYS B 92 19.76 22.23 -0.72
CA CYS B 92 18.79 21.23 -1.16
C CYS B 92 18.98 20.94 -2.65
N LEU B 93 19.19 19.68 -3.00
CA LEU B 93 19.37 19.26 -4.37
C LEU B 93 18.23 18.41 -4.91
N GLU B 94 17.51 17.73 -4.04
CA GLU B 94 16.41 16.85 -4.43
C GLU B 94 15.33 16.98 -3.37
N GLU B 95 14.08 16.92 -3.81
CA GLU B 95 12.94 16.80 -2.92
C GLU B 95 12.14 15.56 -3.32
N TRP B 96 11.87 14.70 -2.35
CA TRP B 96 11.10 13.48 -2.58
C TRP B 96 9.78 13.56 -1.83
N PHE B 97 8.72 13.02 -2.44
CA PHE B 97 7.41 12.98 -1.82
C PHE B 97 6.91 11.55 -1.89
N PHE B 98 6.49 11.01 -0.73
CA PHE B 98 5.97 9.65 -0.67
C PHE B 98 4.73 9.63 0.19
N GLU B 99 3.68 8.94 -0.27
CA GLU B 99 2.42 8.86 0.46
C GLU B 99 2.12 7.41 0.79
N PHE B 100 1.84 7.14 2.06
CA PHE B 100 1.41 5.82 2.51
C PHE B 100 -0.11 5.73 2.59
N GLY B 101 -0.72 6.78 3.12
CA GLY B 101 -2.16 6.86 3.22
C GLY B 101 -2.67 6.39 4.57
N PHE B 102 -3.76 5.63 4.53
CA PHE B 102 -4.45 5.17 5.73
C PHE B 102 -3.53 4.34 6.61
N VAL B 103 -3.47 4.67 7.90
CA VAL B 103 -2.77 3.86 8.91
C VAL B 103 -3.78 3.34 9.94
N ILE B 104 -3.83 2.02 10.09
CA ILE B 104 -4.74 1.36 11.04
C ILE B 104 -4.24 1.58 12.45
N PRO B 105 -5.11 1.87 13.43
CA PRO B 105 -4.62 2.03 14.80
C PRO B 105 -4.05 0.72 15.32
N ASN B 106 -3.01 0.84 16.15
CA ASN B 106 -2.36 -0.31 16.78
C ASN B 106 -1.80 -1.29 15.76
N SER B 107 -1.28 -0.77 14.66
CA SER B 107 -0.81 -1.60 13.57
C SER B 107 0.71 -1.55 13.47
N THR B 108 1.24 -2.56 12.79
CA THR B 108 2.62 -2.61 12.34
C THR B 108 2.60 -2.86 10.84
N ASN B 109 3.39 -2.10 10.09
CA ASN B 109 3.23 -2.01 8.64
C ASN B 109 4.59 -1.97 7.94
N THR B 110 4.63 -2.56 6.74
CA THR B 110 5.80 -2.47 5.87
C THR B 110 5.46 -1.65 4.63
N TRP B 111 6.30 -0.65 4.34
CA TRP B 111 6.07 0.33 3.28
C TRP B 111 7.27 0.32 2.35
N GLN B 112 7.06 -0.04 1.08
CA GLN B 112 8.10 -0.06 0.06
C GLN B 112 7.95 1.17 -0.83
N SER B 113 9.06 1.87 -1.07
CA SER B 113 9.08 3.05 -1.91
C SER B 113 10.27 2.97 -2.86
N LEU B 114 10.13 3.56 -4.04
CA LEU B 114 11.21 3.56 -5.01
C LEU B 114 11.85 4.94 -5.05
N ILE B 115 13.17 4.98 -4.86
CA ILE B 115 13.94 6.23 -4.96
C ILE B 115 14.68 6.20 -6.28
N GLU B 116 14.32 7.10 -7.18
CA GLU B 116 14.82 7.10 -8.54
C GLU B 116 15.75 8.29 -8.77
N ALA B 117 16.84 8.04 -9.47
CA ALA B 117 17.71 9.12 -9.90
C ALA B 117 17.03 9.90 -11.00
N ALA B 118 17.13 11.23 -10.92
CA ALA B 118 16.70 12.04 -12.05
C ALA B 118 17.48 11.59 -13.29
N PRO B 119 16.83 11.45 -14.44
CA PRO B 119 17.50 10.76 -15.57
C PRO B 119 18.79 11.44 -15.99
N GLU B 120 18.81 12.76 -16.04
CA GLU B 120 19.97 13.51 -16.50
C GLU B 120 21.08 13.61 -15.45
N SER B 121 20.82 13.21 -14.21
CA SER B 121 21.78 13.47 -13.15
C SER B 121 22.94 12.49 -13.19
N GLN B 122 24.05 12.90 -12.58
CA GLN B 122 25.22 12.06 -12.38
C GLN B 122 25.65 12.18 -10.94
N MET B 123 25.74 11.04 -10.25
CA MET B 123 26.14 11.04 -8.85
C MET B 123 27.58 11.49 -8.71
N MET B 124 27.82 12.32 -7.70
CA MET B 124 29.18 12.67 -7.30
C MET B 124 29.84 11.45 -6.67
N PRO B 125 31.16 11.47 -6.56
CA PRO B 125 31.85 10.31 -5.95
C PRO B 125 31.54 10.20 -4.46
N ALA B 126 31.60 8.96 -3.98
CA ALA B 126 31.36 8.70 -2.57
C ALA B 126 32.29 9.51 -1.68
N SER B 127 33.54 9.69 -2.10
CA SER B 127 34.48 10.41 -1.24
C SER B 127 34.06 11.86 -1.04
N VAL B 128 33.38 12.45 -2.03
CA VAL B 128 32.90 13.82 -1.92
C VAL B 128 31.62 13.88 -1.09
N LEU B 129 30.75 12.89 -1.27
CA LEU B 129 29.45 12.94 -0.63
C LEU B 129 29.49 12.57 0.85
N THR B 130 30.42 11.72 1.27
CA THR B 130 30.33 11.11 2.59
C THR B 130 30.42 12.17 3.68
N GLY B 131 29.48 12.13 4.62
CA GLY B 131 29.39 13.11 5.68
C GLY B 131 28.88 14.46 5.27
N ASN B 132 28.62 14.68 3.98
CA ASN B 132 28.14 15.96 3.50
C ASN B 132 26.69 15.90 3.05
N VAL B 133 26.03 14.76 3.17
CA VAL B 133 24.66 14.56 2.74
C VAL B 133 23.76 14.47 3.96
N ILE B 134 22.68 15.25 3.97
CA ILE B 134 21.66 15.19 5.00
C ILE B 134 20.32 14.89 4.33
N ILE B 135 19.62 13.89 4.85
CA ILE B 135 18.23 13.62 4.48
C ILE B 135 17.36 14.17 5.60
N GLU B 136 16.51 15.14 5.28
CA GLU B 136 15.60 15.74 6.26
C GLU B 136 14.18 15.28 5.91
N THR B 137 13.51 14.64 6.86
CA THR B 137 12.21 14.03 6.60
C THR B 137 11.14 14.75 7.41
N LYS B 138 10.13 15.26 6.72
CA LYS B 138 8.93 15.79 7.35
C LYS B 138 7.86 14.70 7.33
N PHE B 139 7.35 14.37 8.52
CA PHE B 139 6.33 13.36 8.79
C PHE B 139 5.01 14.10 8.92
N PHE B 140 4.10 13.85 7.96
CA PHE B 140 2.79 14.51 7.96
C PHE B 140 1.68 13.48 8.14
N ASP B 141 0.56 13.92 8.72
CA ASP B 141 -0.74 13.27 8.52
C ASP B 141 -1.61 14.28 7.76
N ASP B 142 -1.80 14.02 6.47
CA ASP B 142 -2.43 14.98 5.57
C ASP B 142 -1.68 16.31 5.66
N ASP B 143 -2.33 17.34 6.22
CA ASP B 143 -1.73 18.66 6.31
C ASP B 143 -1.04 18.90 7.64
N LEU B 144 -1.15 17.99 8.59
CA LEU B 144 -0.62 18.18 9.93
C LEU B 144 0.83 17.69 9.98
N LEU B 145 1.76 18.59 10.30
CA LEU B 145 3.16 18.20 10.49
C LEU B 145 3.32 17.56 11.86
N VAL B 146 3.77 16.31 11.87
CA VAL B 146 3.95 15.57 13.12
C VAL B 146 5.36 15.73 13.66
N SER B 147 6.37 15.61 12.80
CA SER B 147 7.74 15.70 13.27
C SER B 147 8.64 15.97 12.07
N THR B 148 9.82 16.51 12.36
CA THR B 148 10.89 16.68 11.39
C THR B 148 12.13 16.01 11.95
N SER B 149 12.76 15.15 11.15
CA SER B 149 13.96 14.45 11.59
C SER B 149 15.03 14.49 10.51
N ARG B 150 16.28 14.23 10.91
CA ARG B 150 17.43 14.35 10.02
C ARG B 150 18.40 13.20 10.20
N VAL B 151 19.03 12.78 9.09
CA VAL B 151 20.06 11.77 9.13
C VAL B 151 21.21 12.21 8.22
N ARG B 152 22.43 12.20 8.76
CA ARG B 152 23.64 12.46 7.99
C ARG B 152 24.14 11.14 7.44
N LEU B 153 24.40 11.09 6.14
CA LEU B 153 24.82 9.85 5.49
C LEU B 153 26.33 9.83 5.27
N PHE B 154 26.92 8.66 5.50
CA PHE B 154 28.32 8.38 5.23
C PHE B 154 28.38 7.20 4.28
N TYR B 155 29.30 7.26 3.33
CA TYR B 155 29.44 6.22 2.30
C TYR B 155 30.76 5.51 2.57
N VAL B 156 30.68 4.24 2.94
CA VAL B 156 31.83 3.54 3.51
C VAL B 156 32.10 2.20 2.85
#